data_2UXO
#
_entry.id   2UXO
#
_cell.length_a   46.176
_cell.length_b   232.399
_cell.length_c   44.031
_cell.angle_alpha   90.00
_cell.angle_beta   90.00
_cell.angle_gamma   90.00
#
_symmetry.space_group_name_H-M   'P 21 21 2'
#
loop_
_entity.id
_entity.type
_entity.pdbx_description
1 polymer 'HTH-TYPE TRANSCRIPTIONAL REGULATOR TTGR'
2 non-polymer TETRACYCLINE
3 water water
#
_entity_poly.entity_id   1
_entity_poly.type   'polypeptide(L)'
_entity_poly.pdbx_seq_one_letter_code
;MVRRTKEEAQETRAQIIEAAERAFYKRGVARTTLADIAELAGVTRGAIYWHFNNKAELVQALLDSLHETHDHLARASESE
DEVDPLGCMRKLLLQVFNELVLDARTRRINEILHHKCEFTDDMCEIRQQRQSAVLDCHKGITLALANAVRRGQLPGELDA
ERAAVAMFAYVDGLIRRWLLLPDSVDLLGDVEKWVDTGLDMLRLSPALRK
;
_entity_poly.pdbx_strand_id   A,B
#
# COMPACT_ATOMS: atom_id res chain seq x y z
N THR A 5 -11.71 -5.33 35.79
CA THR A 5 -11.19 -6.49 36.59
C THR A 5 -12.13 -7.70 36.55
N LYS A 6 -13.28 -7.55 35.87
CA LYS A 6 -14.23 -8.67 35.77
C LYS A 6 -13.79 -9.57 34.57
N GLU A 7 -14.41 -10.75 34.43
CA GLU A 7 -13.87 -11.77 33.53
C GLU A 7 -14.81 -12.18 32.41
N GLU A 8 -16.13 -12.14 32.67
CA GLU A 8 -17.11 -12.38 31.59
C GLU A 8 -16.90 -11.33 30.50
N ALA A 9 -16.81 -10.07 30.95
CA ALA A 9 -16.63 -8.94 30.07
C ALA A 9 -15.24 -8.90 29.39
N GLN A 10 -14.31 -9.72 29.86
CA GLN A 10 -12.99 -9.77 29.28
C GLN A 10 -13.03 -10.88 28.25
N GLU A 11 -13.78 -11.94 28.58
CA GLU A 11 -14.11 -13.01 27.64
C GLU A 11 -14.93 -12.46 26.50
N THR A 12 -15.96 -11.67 26.84
CA THR A 12 -16.86 -11.23 25.79
C THR A 12 -16.17 -10.23 24.90
N ARG A 13 -15.38 -9.31 25.46
CA ARG A 13 -14.61 -8.41 24.61
C ARG A 13 -13.70 -9.17 23.63
N ALA A 14 -13.07 -10.24 24.08
CA ALA A 14 -12.13 -10.96 23.24
C ALA A 14 -12.81 -11.74 22.10
N GLN A 15 -14.08 -12.08 22.30
CA GLN A 15 -14.91 -12.75 21.28
C GLN A 15 -15.51 -11.79 20.27
N ILE A 16 -15.82 -10.57 20.67
CA ILE A 16 -16.23 -9.55 19.71
C ILE A 16 -15.04 -9.31 18.78
N ILE A 17 -13.84 -9.21 19.35
CA ILE A 17 -12.69 -9.01 18.51
C ILE A 17 -12.51 -10.15 17.51
N GLU A 18 -12.61 -11.40 17.95
CA GLU A 18 -12.47 -12.52 17.02
C GLU A 18 -13.50 -12.44 15.89
N ALA A 19 -14.78 -12.27 16.25
CA ALA A 19 -15.87 -12.20 15.26
C ALA A 19 -15.69 -11.09 14.26
N ALA A 20 -15.27 -9.93 14.76
CA ALA A 20 -15.07 -8.79 13.90
C ALA A 20 -14.03 -9.10 12.83
N GLU A 21 -12.95 -9.76 13.23
CA GLU A 21 -11.92 -10.06 12.29
C GLU A 21 -12.45 -10.97 11.18
N ARG A 22 -13.18 -12.00 11.58
CA ARG A 22 -13.78 -12.97 10.66
C ARG A 22 -14.84 -12.31 9.80
N ALA A 23 -15.57 -11.35 10.35
CA ALA A 23 -16.63 -10.69 9.61
C ALA A 23 -16.04 -9.71 8.60
N PHE A 24 -15.19 -8.81 9.09
CA PHE A 24 -14.61 -7.78 8.26
C PHE A 24 -13.90 -8.49 7.12
N TYR A 25 -13.31 -9.63 7.43
CA TYR A 25 -12.58 -10.39 6.42
C TYR A 25 -13.49 -10.98 5.31
N LYS A 26 -14.69 -11.43 5.66
CA LYS A 26 -15.60 -11.98 4.63
C LYS A 26 -16.37 -10.90 3.89
N ARG A 27 -16.99 -9.97 4.63
CA ARG A 27 -17.86 -8.94 4.10
C ARG A 27 -17.17 -7.55 3.90
N GLY A 28 -15.97 -7.37 4.43
CA GLY A 28 -15.27 -6.06 4.36
C GLY A 28 -15.75 -5.12 5.46
N VAL A 29 -14.97 -4.08 5.74
CA VAL A 29 -15.29 -3.13 6.80
C VAL A 29 -16.44 -2.15 6.43
N ALA A 30 -16.65 -1.90 5.14
CA ALA A 30 -17.71 -0.98 4.70
C ALA A 30 -19.15 -1.38 5.03
N ARG A 31 -19.54 -2.61 4.69
CA ARG A 31 -20.94 -3.11 4.78
C ARG A 31 -21.17 -4.06 5.95
N THR A 32 -20.46 -3.87 7.04
CA THR A 32 -20.56 -4.78 8.14
C THR A 32 -21.04 -3.95 9.30
N THR A 33 -22.23 -4.23 9.76
CA THR A 33 -22.80 -3.52 10.90
C THR A 33 -22.34 -4.16 12.23
N LEU A 34 -22.50 -3.43 13.33
CA LEU A 34 -22.23 -4.02 14.65
C LEU A 34 -23.28 -5.08 15.04
N ALA A 35 -24.52 -4.93 14.54
CA ALA A 35 -25.53 -5.98 14.67
C ALA A 35 -25.01 -7.31 14.14
N ASP A 36 -24.26 -7.20 13.02
CA ASP A 36 -23.67 -8.34 12.28
C ASP A 36 -22.59 -9.01 13.11
N ILE A 37 -21.75 -8.18 13.71
CA ILE A 37 -20.67 -8.67 14.52
C ILE A 37 -21.24 -9.31 15.76
N ALA A 38 -22.48 -8.97 16.10
CA ALA A 38 -23.17 -9.57 17.25
C ALA A 38 -23.59 -10.99 16.98
N GLU A 39 -24.41 -11.21 15.96
CA GLU A 39 -24.98 -12.53 15.68
C GLU A 39 -23.88 -13.60 15.56
N LEU A 40 -22.79 -13.23 14.88
CA LEU A 40 -21.70 -14.17 14.62
C LEU A 40 -20.97 -14.55 15.91
N ALA A 41 -20.87 -13.59 16.83
CA ALA A 41 -20.08 -13.72 18.06
C ALA A 41 -20.77 -14.58 19.16
N GLY A 42 -22.09 -14.72 19.07
CA GLY A 42 -22.90 -15.36 20.13
C GLY A 42 -23.45 -14.38 21.15
N VAL A 43 -22.78 -13.22 21.26
CA VAL A 43 -23.09 -12.14 22.20
C VAL A 43 -24.44 -11.43 21.91
N THR A 44 -24.63 -10.26 22.51
CA THR A 44 -25.85 -9.45 22.31
C THR A 44 -25.48 -8.05 21.82
N ARG A 45 -26.40 -7.40 21.08
CA ARG A 45 -26.20 -6.04 20.55
C ARG A 45 -25.71 -5.08 21.61
N GLY A 46 -26.45 -5.02 22.74
CA GLY A 46 -26.08 -4.15 23.86
C GLY A 46 -24.65 -4.31 24.28
N ALA A 47 -24.22 -5.56 24.41
CA ALA A 47 -22.86 -5.86 24.82
C ALA A 47 -21.78 -5.30 23.90
N ILE A 48 -22.10 -5.22 22.59
CA ILE A 48 -21.09 -4.74 21.65
C ILE A 48 -20.93 -3.25 21.87
N TYR A 49 -22.01 -2.61 22.33
CA TYR A 49 -22.09 -1.16 22.51
C TYR A 49 -21.48 -0.71 23.80
N TRP A 50 -21.58 -1.57 24.81
CA TRP A 50 -20.94 -1.33 26.09
C TRP A 50 -19.43 -1.30 25.85
N HIS A 51 -19.01 -2.15 24.89
CA HIS A 51 -17.63 -2.45 24.62
C HIS A 51 -17.03 -1.58 23.51
N PHE A 52 -17.83 -1.30 22.50
CA PHE A 52 -17.40 -0.47 21.41
C PHE A 52 -18.53 0.46 21.08
N ASN A 53 -18.23 1.76 21.10
CA ASN A 53 -19.22 2.78 20.74
C ASN A 53 -19.63 2.75 19.26
N ASN A 54 -18.63 2.63 18.38
CA ASN A 54 -18.82 2.56 16.92
C ASN A 54 -17.80 1.63 16.25
N LYS A 55 -18.09 1.27 15.01
CA LYS A 55 -17.20 0.40 14.24
C LYS A 55 -15.76 0.94 14.09
N ALA A 56 -15.60 2.24 13.91
CA ALA A 56 -14.23 2.75 13.86
C ALA A 56 -13.41 2.46 15.14
N GLU A 57 -14.10 2.23 16.26
CA GLU A 57 -13.41 1.93 17.53
C GLU A 57 -12.91 0.48 17.44
N LEU A 58 -13.78 -0.37 16.88
CA LEU A 58 -13.53 -1.77 16.68
C LEU A 58 -12.35 -1.96 15.75
N VAL A 59 -12.43 -1.36 14.57
CA VAL A 59 -11.31 -1.41 13.65
C VAL A 59 -10.03 -1.03 14.38
N GLN A 60 -10.07 0.05 15.16
CA GLN A 60 -8.89 0.54 15.88
C GLN A 60 -8.33 -0.52 16.84
N ALA A 61 -9.21 -1.22 17.55
CA ALA A 61 -8.81 -2.32 18.41
C ALA A 61 -8.06 -3.38 17.62
N LEU A 62 -8.53 -3.65 16.39
CA LEU A 62 -7.83 -4.58 15.52
C LEU A 62 -6.44 -4.09 15.10
N LEU A 63 -6.35 -2.90 14.49
CA LEU A 63 -5.04 -2.34 14.15
C LEU A 63 -4.08 -2.34 15.32
N ASP A 64 -4.61 -2.05 16.52
CA ASP A 64 -3.81 -1.94 17.74
C ASP A 64 -3.13 -3.26 18.18
N SER A 65 -3.86 -4.37 18.15
CA SER A 65 -3.31 -5.71 18.41
C SER A 65 -2.03 -6.06 17.65
N LEU A 66 -1.79 -5.41 16.52
CA LEU A 66 -0.62 -5.72 15.70
C LEU A 66 0.68 -5.22 16.30
N HIS A 67 0.60 -4.30 17.25
CA HIS A 67 1.78 -3.67 17.81
C HIS A 67 2.25 -4.41 19.04
N GLU A 68 1.39 -5.25 19.60
CA GLU A 68 1.70 -6.01 20.82
C GLU A 68 2.92 -6.97 20.69
N THR A 69 2.93 -7.78 19.65
CA THR A 69 3.98 -8.78 19.47
C THR A 69 5.35 -8.15 19.29
N HIS A 70 5.36 -6.88 18.89
CA HIS A 70 6.62 -6.21 18.53
C HIS A 70 7.15 -5.20 19.54
N ASP A 71 6.36 -4.89 20.58
CA ASP A 71 6.65 -3.79 21.48
C ASP A 71 8.10 -3.78 21.94
N HIS A 72 8.54 -4.91 22.49
CA HIS A 72 9.91 -5.07 23.03
C HIS A 72 11.01 -4.54 22.10
N LEU A 73 11.12 -5.12 20.91
CA LEU A 73 12.19 -4.76 19.99
C LEU A 73 12.03 -3.33 19.51
N ALA A 74 10.78 -2.86 19.42
CA ALA A 74 10.49 -1.48 19.01
C ALA A 74 11.10 -0.48 19.97
N ARG A 75 10.86 -0.72 21.26
CA ARG A 75 11.28 0.14 22.37
C ARG A 75 12.80 0.12 22.53
N ALA A 76 13.38 -1.07 22.40
CA ALA A 76 14.83 -1.25 22.43
C ALA A 76 15.53 -0.45 21.34
N SER A 77 15.01 -0.52 20.12
CA SER A 77 15.60 0.15 18.96
C SER A 77 15.70 1.66 19.11
N GLU A 78 14.78 2.24 19.87
CA GLU A 78 14.60 3.68 19.91
C GLU A 78 15.19 4.31 21.15
N SER A 79 15.39 3.48 22.19
CA SER A 79 16.12 3.94 23.35
C SER A 79 17.49 4.42 22.88
N GLU A 80 17.92 5.55 23.40
CA GLU A 80 19.25 6.08 23.12
C GLU A 80 20.32 5.30 23.89
N ASP A 81 19.87 4.48 24.85
CA ASP A 81 20.76 3.60 25.63
C ASP A 81 21.04 2.25 24.96
N GLU A 82 20.38 1.95 23.85
CA GLU A 82 20.64 0.70 23.15
C GLU A 82 22.00 0.77 22.51
N VAL A 83 22.80 -0.27 22.70
CA VAL A 83 24.11 -0.35 22.07
C VAL A 83 24.02 -0.60 20.57
N ASP A 84 22.97 -1.32 20.16
CA ASP A 84 22.85 -1.85 18.80
C ASP A 84 21.46 -1.57 18.16
N PRO A 85 21.15 -0.30 17.86
CA PRO A 85 19.78 -0.06 17.40
C PRO A 85 19.49 -0.59 16.01
N LEU A 86 20.43 -0.46 15.08
CA LEU A 86 20.21 -1.03 13.76
C LEU A 86 19.95 -2.51 13.97
N GLY A 87 20.59 -3.06 15.00
CA GLY A 87 20.40 -4.44 15.38
C GLY A 87 18.98 -4.78 15.79
N CYS A 88 18.35 -3.93 16.61
CA CYS A 88 16.95 -4.12 16.99
C CYS A 88 15.97 -3.88 15.84
N MET A 89 16.31 -2.96 14.94
CA MET A 89 15.47 -2.65 13.79
C MET A 89 15.44 -3.79 12.79
N ARG A 90 16.58 -4.46 12.61
CA ARG A 90 16.67 -5.64 11.75
C ARG A 90 15.88 -6.84 12.28
N LYS A 91 15.97 -7.08 13.59
CA LYS A 91 15.22 -8.16 14.21
C LYS A 91 13.71 -7.87 14.25
N LEU A 92 13.35 -6.60 14.49
CA LEU A 92 11.96 -6.20 14.39
C LEU A 92 11.40 -6.52 13.02
N LEU A 93 12.18 -6.26 11.99
CA LEU A 93 11.62 -6.43 10.65
C LEU A 93 11.46 -7.91 10.29
N LEU A 94 12.37 -8.72 10.81
CA LEU A 94 12.37 -10.15 10.64
C LEU A 94 11.13 -10.75 11.34
N GLN A 95 10.79 -10.17 12.48
CA GLN A 95 9.65 -10.61 13.24
C GLN A 95 8.35 -10.20 12.59
N VAL A 96 8.33 -8.98 12.02
CA VAL A 96 7.16 -8.49 11.33
C VAL A 96 6.90 -9.42 10.15
N PHE A 97 7.93 -9.67 9.38
CA PHE A 97 7.71 -10.53 8.24
C PHE A 97 7.34 -11.98 8.65
N ASN A 98 8.13 -12.59 9.55
CA ASN A 98 7.78 -13.93 10.08
C ASN A 98 6.34 -14.03 10.62
N GLU A 99 5.93 -13.12 11.50
CA GLU A 99 4.58 -13.16 12.10
C GLU A 99 3.50 -13.08 11.03
N LEU A 100 3.79 -12.34 9.98
CA LEU A 100 2.86 -12.19 8.88
C LEU A 100 2.67 -13.50 8.14
N VAL A 101 3.75 -14.25 7.95
CA VAL A 101 3.70 -15.51 7.22
C VAL A 101 3.12 -16.72 8.02
N LEU A 102 3.59 -16.88 9.26
CA LEU A 102 3.16 -17.94 10.16
C LEU A 102 1.73 -17.78 10.77
N ASP A 103 1.44 -16.59 11.30
CA ASP A 103 0.25 -16.33 12.09
C ASP A 103 -0.94 -15.90 11.25
N ALA A 104 -1.90 -16.79 11.02
CA ALA A 104 -3.06 -16.44 10.19
C ALA A 104 -3.82 -15.20 10.72
N ARG A 105 -3.83 -15.00 12.04
CA ARG A 105 -4.51 -13.89 12.63
C ARG A 105 -3.87 -12.61 12.03
N THR A 106 -2.53 -12.51 12.06
CA THR A 106 -1.91 -11.26 11.61
C THR A 106 -2.16 -11.02 10.11
N ARG A 107 -2.04 -12.08 9.32
CA ARG A 107 -2.24 -11.97 7.89
C ARG A 107 -3.64 -11.46 7.65
N ARG A 108 -4.63 -11.87 8.42
CA ARG A 108 -6.00 -11.42 8.18
C ARG A 108 -6.27 -9.93 8.56
N ILE A 109 -5.75 -9.50 9.72
CA ILE A 109 -5.96 -8.10 10.13
C ILE A 109 -5.24 -7.22 9.08
N ASN A 110 -4.08 -7.68 8.61
CA ASN A 110 -3.42 -6.94 7.58
C ASN A 110 -4.26 -6.94 6.33
N GLU A 111 -4.90 -8.05 6.02
CA GLU A 111 -5.69 -8.08 4.83
C GLU A 111 -6.86 -7.11 5.02
N ILE A 112 -7.46 -7.06 6.23
CA ILE A 112 -8.57 -6.14 6.49
C ILE A 112 -8.05 -4.73 6.28
N LEU A 113 -6.93 -4.44 6.92
CA LEU A 113 -6.29 -3.12 6.89
C LEU A 113 -5.96 -2.59 5.47
N HIS A 114 -5.36 -3.45 4.65
CA HIS A 114 -4.92 -3.12 3.29
C HIS A 114 -6.01 -3.30 2.20
N HIS A 115 -6.85 -4.33 2.26
CA HIS A 115 -7.74 -4.55 1.12
C HIS A 115 -9.21 -4.57 1.45
N LYS A 116 -9.58 -4.30 2.69
CA LYS A 116 -10.98 -4.46 3.04
C LYS A 116 -11.48 -3.34 3.91
N CYS A 117 -10.97 -2.14 3.73
CA CYS A 117 -11.32 -1.08 4.65
C CYS A 117 -11.27 0.34 4.02
N GLU A 118 -12.36 0.72 3.38
CA GLU A 118 -12.46 2.02 2.72
C GLU A 118 -12.46 3.22 3.67
N PHE A 119 -11.80 4.28 3.23
CA PHE A 119 -11.88 5.57 3.86
C PHE A 119 -13.00 6.36 3.20
N THR A 120 -14.24 6.30 3.69
CA THR A 120 -15.30 7.14 3.12
C THR A 120 -15.70 8.24 4.12
N ASP A 121 -15.83 9.49 3.64
CA ASP A 121 -16.34 10.60 4.47
C ASP A 121 -17.47 10.25 5.44
N ASP A 122 -18.31 9.28 5.08
CA ASP A 122 -19.38 8.81 5.96
C ASP A 122 -18.79 8.28 7.26
N MET A 123 -17.59 7.71 7.18
CA MET A 123 -16.86 7.15 8.35
C MET A 123 -15.43 7.71 8.53
N CYS A 124 -15.37 9.05 8.65
CA CYS A 124 -14.12 9.87 8.73
C CYS A 124 -13.01 9.40 9.71
N GLU A 125 -13.42 8.66 10.75
CA GLU A 125 -12.53 8.25 11.82
C GLU A 125 -11.63 7.09 11.40
N ILE A 126 -12.03 6.33 10.40
CA ILE A 126 -11.16 5.26 9.94
C ILE A 126 -9.84 5.83 9.42
N ARG A 127 -9.95 6.85 8.58
CA ARG A 127 -8.78 7.52 7.98
C ARG A 127 -7.90 8.30 8.96
N GLN A 128 -8.53 9.10 9.82
CA GLN A 128 -7.86 9.83 10.91
C GLN A 128 -7.01 8.89 11.78
N GLN A 129 -7.65 7.81 12.26
CA GLN A 129 -6.98 6.76 13.05
C GLN A 129 -5.77 6.27 12.31
N ARG A 130 -5.92 6.09 11.01
CA ARG A 130 -4.88 5.52 10.24
C ARG A 130 -3.75 6.50 10.04
N GLN A 131 -4.09 7.76 9.88
CA GLN A 131 -3.11 8.80 9.76
C GLN A 131 -2.29 8.88 11.04
N SER A 132 -2.98 9.01 12.16
CA SER A 132 -2.36 9.01 13.48
C SER A 132 -1.34 7.88 13.65
N ALA A 133 -1.78 6.66 13.35
CA ALA A 133 -0.93 5.50 13.53
C ALA A 133 0.34 5.52 12.68
N VAL A 134 0.25 6.06 11.47
CA VAL A 134 1.38 6.08 10.57
C VAL A 134 2.32 7.16 11.03
N LEU A 135 1.76 8.25 11.58
CA LEU A 135 2.57 9.30 12.17
C LEU A 135 3.31 8.73 13.39
N ASP A 136 2.60 7.99 14.23
CA ASP A 136 3.22 7.31 15.40
C ASP A 136 4.37 6.48 14.95
N CYS A 137 4.03 5.49 14.17
CA CYS A 137 5.02 4.60 13.67
C CYS A 137 6.18 5.44 13.11
N HIS A 138 5.84 6.53 12.45
CA HIS A 138 6.84 7.37 11.80
C HIS A 138 7.81 7.91 12.82
N LYS A 139 7.25 8.40 13.93
CA LYS A 139 8.00 8.92 15.05
C LYS A 139 9.06 7.92 15.46
N GLY A 140 8.63 6.70 15.76
CA GLY A 140 9.53 5.64 16.17
C GLY A 140 10.74 5.37 15.28
N ILE A 141 10.50 5.07 14.02
CA ILE A 141 11.60 4.75 13.11
C ILE A 141 12.57 5.91 13.01
N THR A 142 12.08 7.13 13.17
CA THR A 142 12.99 8.27 13.15
C THR A 142 13.96 8.23 14.34
N LEU A 143 13.45 8.18 15.57
CA LEU A 143 14.30 8.16 16.77
C LEU A 143 15.32 7.04 16.66
N ALA A 144 14.86 5.93 16.12
CA ALA A 144 15.66 4.76 15.93
C ALA A 144 16.74 4.95 14.87
N LEU A 145 16.44 5.62 13.77
CA LEU A 145 17.41 5.72 12.70
C LEU A 145 18.52 6.64 13.14
N ALA A 146 18.12 7.74 13.78
CA ALA A 146 19.01 8.75 14.33
C ALA A 146 19.94 8.20 15.41
N ASN A 147 19.49 7.16 16.11
CA ASN A 147 20.32 6.45 17.08
C ASN A 147 21.40 5.61 16.42
N ALA A 148 21.03 4.96 15.30
CA ALA A 148 22.01 4.25 14.49
C ALA A 148 22.96 5.21 13.70
N VAL A 149 22.72 6.50 13.83
CA VAL A 149 23.62 7.48 13.24
C VAL A 149 24.72 7.73 14.28
N ARG A 150 24.30 8.25 15.43
CA ARG A 150 25.19 8.53 16.53
C ARG A 150 26.18 7.39 16.73
N ARG A 151 25.66 6.19 16.93
CA ARG A 151 26.47 5.01 17.15
C ARG A 151 27.26 4.53 15.91
N GLY A 152 27.23 5.29 14.81
CA GLY A 152 28.08 4.98 13.66
C GLY A 152 27.73 3.79 12.78
N GLN A 153 26.51 3.26 12.96
CA GLN A 153 25.96 2.18 12.10
C GLN A 153 25.31 2.67 10.79
N LEU A 154 24.66 3.84 10.80
CA LEU A 154 24.18 4.48 9.56
C LEU A 154 25.10 5.64 9.18
N PRO A 155 25.16 6.02 7.89
CA PRO A 155 25.97 7.16 7.47
C PRO A 155 25.64 8.39 8.30
N GLY A 156 26.67 9.24 8.51
CA GLY A 156 26.58 10.28 9.53
C GLY A 156 25.72 11.44 9.11
N GLU A 157 25.68 11.68 7.82
CA GLU A 157 24.89 12.77 7.29
C GLU A 157 23.50 12.33 6.78
N LEU A 158 22.97 11.24 7.30
CA LEU A 158 21.68 10.71 6.85
C LEU A 158 20.57 11.69 7.16
N ASP A 159 19.48 11.64 6.38
CA ASP A 159 18.28 12.39 6.71
C ASP A 159 17.24 11.45 7.31
N ALA A 160 17.30 11.27 8.63
CA ALA A 160 16.42 10.34 9.33
C ALA A 160 14.97 10.41 8.84
N GLU A 161 14.42 11.63 8.80
CA GLU A 161 13.05 11.86 8.40
C GLU A 161 12.73 11.17 7.06
N ARG A 162 13.34 11.65 5.99
CA ARG A 162 13.19 11.01 4.69
C ARG A 162 13.56 9.52 4.70
N ALA A 163 14.59 9.13 5.43
CA ALA A 163 15.00 7.74 5.41
C ALA A 163 13.84 6.92 5.98
N ALA A 164 13.24 7.40 7.07
CA ALA A 164 12.10 6.72 7.69
C ALA A 164 10.93 6.51 6.73
N VAL A 165 10.69 7.49 5.88
CA VAL A 165 9.55 7.42 4.98
C VAL A 165 9.92 6.40 3.92
N ALA A 166 11.15 6.45 3.45
CA ALA A 166 11.62 5.52 2.44
C ALA A 166 11.38 4.12 2.92
N MET A 167 11.76 3.86 4.16
CA MET A 167 11.76 2.52 4.68
C MET A 167 10.34 2.09 4.92
N PHE A 168 9.53 2.98 5.50
CA PHE A 168 8.14 2.66 5.76
C PHE A 168 7.47 2.37 4.45
N ALA A 169 7.78 3.15 3.42
CA ALA A 169 7.11 2.94 2.17
C ALA A 169 7.48 1.55 1.70
N TYR A 170 8.76 1.27 1.67
CA TYR A 170 9.24 -0.04 1.30
C TYR A 170 8.60 -1.24 2.07
N VAL A 171 8.50 -1.13 3.39
CA VAL A 171 7.92 -2.24 4.13
C VAL A 171 6.43 -2.34 3.81
N ASP A 172 5.75 -1.19 3.75
CA ASP A 172 4.32 -1.20 3.53
C ASP A 172 3.94 -1.81 2.14
N GLY A 173 4.67 -1.40 1.09
CA GLY A 173 4.36 -1.86 -0.27
C GLY A 173 4.63 -3.34 -0.43
N LEU A 174 5.60 -3.83 0.32
CA LEU A 174 6.05 -5.21 0.22
C LEU A 174 5.07 -6.14 0.91
N ILE A 175 4.61 -5.75 2.11
CA ILE A 175 3.56 -6.51 2.83
C ILE A 175 2.31 -6.64 1.95
N ARG A 176 1.99 -5.57 1.23
CA ARG A 176 0.80 -5.45 0.40
C ARG A 176 0.94 -6.29 -0.89
N ARG A 177 2.14 -6.21 -1.50
CA ARG A 177 2.47 -7.03 -2.68
C ARG A 177 2.24 -8.49 -2.28
N TRP A 178 2.83 -8.89 -1.16
CA TRP A 178 2.67 -10.24 -0.70
C TRP A 178 1.23 -10.65 -0.36
N LEU A 179 0.38 -9.73 0.10
CA LEU A 179 -0.99 -10.11 0.37
C LEU A 179 -1.77 -10.27 -0.94
N LEU A 180 -1.37 -9.50 -1.94
CA LEU A 180 -2.02 -9.59 -3.23
C LEU A 180 -1.49 -10.79 -4.00
N LEU A 181 -0.16 -10.99 -4.03
CA LEU A 181 0.46 -12.14 -4.74
C LEU A 181 1.51 -12.86 -3.91
N PRO A 182 1.10 -13.59 -2.87
CA PRO A 182 2.05 -14.29 -2.03
C PRO A 182 3.03 -15.11 -2.83
N ASP A 183 2.53 -15.87 -3.82
CA ASP A 183 3.39 -16.78 -4.61
C ASP A 183 4.34 -16.04 -5.54
N SER A 184 4.72 -14.83 -5.13
CA SER A 184 5.64 -14.00 -5.90
C SER A 184 6.69 -13.40 -4.96
N VAL A 185 6.55 -13.67 -3.66
CA VAL A 185 7.54 -13.27 -2.69
C VAL A 185 7.65 -14.45 -1.74
N ASP A 186 8.69 -15.29 -1.92
CA ASP A 186 9.00 -16.33 -0.93
C ASP A 186 9.56 -15.58 0.25
N LEU A 187 8.63 -14.99 0.98
CA LEU A 187 8.87 -14.08 2.08
C LEU A 187 9.34 -14.80 3.34
N LEU A 188 8.90 -16.04 3.53
CA LEU A 188 9.45 -16.86 4.60
C LEU A 188 10.88 -17.32 4.27
N GLY A 189 11.07 -17.98 3.13
CA GLY A 189 12.38 -18.40 2.66
C GLY A 189 13.46 -17.31 2.64
N ASP A 190 13.16 -16.14 2.02
CA ASP A 190 14.18 -15.09 1.79
C ASP A 190 14.15 -13.90 2.75
N VAL A 191 13.33 -14.00 3.79
CA VAL A 191 13.07 -12.89 4.70
C VAL A 191 14.28 -12.00 5.01
N GLU A 192 15.43 -12.64 5.18
CA GLU A 192 16.71 -11.96 5.43
C GLU A 192 17.09 -11.01 4.30
N LYS A 193 16.87 -11.44 3.05
CA LYS A 193 17.15 -10.62 1.86
C LYS A 193 16.30 -9.36 1.81
N TRP A 194 14.99 -9.57 1.80
CA TRP A 194 13.99 -8.52 1.80
C TRP A 194 14.19 -7.52 2.92
N VAL A 195 14.43 -8.00 4.12
CA VAL A 195 14.69 -7.08 5.21
C VAL A 195 15.98 -6.29 4.96
N ASP A 196 17.02 -6.98 4.47
CA ASP A 196 18.35 -6.37 4.34
C ASP A 196 18.38 -5.42 3.18
N THR A 197 17.73 -5.81 2.09
CA THR A 197 17.51 -4.92 0.93
C THR A 197 16.99 -3.53 1.34
N GLY A 198 16.05 -3.52 2.27
CA GLY A 198 15.49 -2.28 2.74
C GLY A 198 16.53 -1.49 3.50
N LEU A 199 17.16 -2.13 4.47
CA LEU A 199 18.24 -1.52 5.25
C LEU A 199 19.37 -1.01 4.36
N ASP A 200 19.76 -1.79 3.36
CA ASP A 200 20.74 -1.35 2.35
C ASP A 200 20.50 0.08 1.87
N MET A 201 19.35 0.28 1.22
CA MET A 201 18.92 1.58 0.78
C MET A 201 19.21 2.63 1.86
N LEU A 202 18.92 2.33 3.13
CA LEU A 202 19.05 3.36 4.17
C LEU A 202 20.51 3.75 4.39
N ARG A 203 21.40 2.77 4.29
CA ARG A 203 22.79 3.04 4.59
C ARG A 203 23.63 3.53 3.41
N LEU A 204 23.12 3.31 2.17
CA LEU A 204 23.98 3.57 1.03
C LEU A 204 23.48 4.67 0.11
N SER A 205 22.18 4.72 -0.11
CA SER A 205 21.57 5.74 -0.95
C SER A 205 22.08 7.15 -0.66
N PRO A 206 22.83 7.74 -1.60
CA PRO A 206 23.29 9.12 -1.49
C PRO A 206 22.18 10.15 -1.39
N ALA A 207 21.07 9.92 -2.08
CA ALA A 207 19.89 10.82 -2.07
C ALA A 207 19.16 10.92 -0.72
N LEU A 208 19.47 10.01 0.20
CA LEU A 208 18.95 10.04 1.57
C LEU A 208 19.85 10.83 2.53
N ARG A 209 20.99 11.29 2.03
CA ARG A 209 21.92 12.03 2.89
C ARG A 209 21.66 13.53 2.90
N LYS A 210 22.12 14.18 3.97
CA LYS A 210 22.05 15.63 4.22
C LYS A 210 21.01 15.97 5.29
N LYS B 6 -21.06 10.22 -32.25
CA LYS B 6 -21.66 8.89 -32.60
C LYS B 6 -23.15 8.98 -32.89
N GLU B 7 -23.80 7.81 -32.98
CA GLU B 7 -25.24 7.76 -33.10
C GLU B 7 -25.77 7.99 -31.70
N GLU B 8 -25.99 6.90 -30.94
CA GLU B 8 -26.09 6.99 -29.47
C GLU B 8 -24.67 7.19 -28.93
N ALA B 9 -24.45 8.29 -28.21
CA ALA B 9 -23.11 8.83 -27.92
C ALA B 9 -21.98 7.82 -27.64
N GLN B 10 -20.79 8.11 -28.20
CA GLN B 10 -19.56 7.49 -27.71
C GLN B 10 -19.17 8.22 -26.42
N GLU B 11 -19.52 9.49 -26.35
CA GLU B 11 -19.21 10.34 -25.23
C GLU B 11 -19.89 9.89 -23.94
N THR B 12 -21.13 9.41 -24.06
CA THR B 12 -21.86 8.83 -22.91
C THR B 12 -20.92 7.98 -22.07
N ARG B 13 -19.96 7.33 -22.72
CA ARG B 13 -19.00 6.51 -22.01
C ARG B 13 -18.14 7.38 -21.08
N ALA B 14 -17.51 8.39 -21.65
CA ALA B 14 -16.69 9.26 -20.87
C ALA B 14 -17.51 9.92 -19.78
N GLN B 15 -18.80 10.10 -19.99
CA GLN B 15 -19.59 10.67 -18.93
C GLN B 15 -19.95 9.67 -17.81
N ILE B 16 -20.08 8.38 -18.12
CA ILE B 16 -20.31 7.37 -17.10
C ILE B 16 -19.04 7.20 -16.27
N ILE B 17 -17.89 7.03 -16.89
CA ILE B 17 -16.62 7.02 -16.16
C ILE B 17 -16.48 8.23 -15.19
N GLU B 18 -16.89 9.42 -15.59
CA GLU B 18 -16.74 10.55 -14.72
C GLU B 18 -17.65 10.47 -13.51
N ALA B 19 -18.87 9.98 -13.69
CA ALA B 19 -19.79 9.94 -12.56
C ALA B 19 -19.41 8.79 -11.61
N ALA B 20 -18.75 7.79 -12.19
CA ALA B 20 -18.26 6.66 -11.44
C ALA B 20 -17.16 7.10 -10.49
N GLU B 21 -16.27 7.99 -10.93
CA GLU B 21 -15.21 8.54 -10.09
C GLU B 21 -15.84 9.38 -9.02
N ARG B 22 -16.84 10.17 -9.36
CA ARG B 22 -17.49 10.99 -8.35
C ARG B 22 -18.15 10.10 -7.27
N ALA B 23 -18.97 9.14 -7.70
CA ALA B 23 -19.61 8.28 -6.75
C ALA B 23 -18.59 7.47 -6.00
N PHE B 24 -17.64 6.83 -6.70
CA PHE B 24 -16.65 6.00 -6.03
C PHE B 24 -15.84 6.83 -4.99
N TYR B 25 -15.46 8.05 -5.36
CA TYR B 25 -14.68 8.82 -4.42
C TYR B 25 -15.53 9.22 -3.16
N LYS B 26 -16.85 9.42 -3.32
CA LYS B 26 -17.71 9.83 -2.22
C LYS B 26 -18.06 8.67 -1.27
N ARG B 27 -18.63 7.63 -1.83
CA ARG B 27 -19.15 6.54 -1.02
C ARG B 27 -18.33 5.22 -1.07
N GLY B 28 -17.31 5.18 -1.90
CA GLY B 28 -16.48 3.98 -2.04
C GLY B 28 -17.01 2.96 -3.04
N VAL B 29 -16.20 2.00 -3.39
CA VAL B 29 -16.64 1.06 -4.37
C VAL B 29 -17.69 0.07 -3.86
N ALA B 30 -17.48 -0.45 -2.66
CA ALA B 30 -18.36 -1.45 -2.03
C ALA B 30 -19.83 -1.08 -2.00
N ARG B 31 -20.15 0.18 -1.76
CA ARG B 31 -21.57 0.53 -1.61
C ARG B 31 -22.13 1.43 -2.70
N THR B 32 -21.40 1.61 -3.80
CA THR B 32 -21.94 2.36 -4.91
C THR B 32 -22.72 1.39 -5.79
N THR B 33 -23.96 1.69 -6.12
CA THR B 33 -24.66 0.84 -7.05
C THR B 33 -24.60 1.55 -8.38
N LEU B 34 -24.89 0.80 -9.46
CA LEU B 34 -25.05 1.35 -10.80
C LEU B 34 -26.15 2.36 -10.88
N ALA B 35 -27.24 2.15 -10.12
CA ALA B 35 -28.29 3.18 -10.04
C ALA B 35 -27.74 4.50 -9.46
N ASP B 36 -26.74 4.42 -8.55
CA ASP B 36 -26.07 5.64 -8.07
C ASP B 36 -25.39 6.31 -9.25
N ILE B 37 -24.51 5.57 -9.92
CA ILE B 37 -23.76 6.06 -11.07
C ILE B 37 -24.75 6.64 -12.10
N ALA B 38 -25.84 5.90 -12.38
CA ALA B 38 -26.74 6.32 -13.46
C ALA B 38 -27.40 7.66 -13.12
N GLU B 39 -27.93 7.80 -11.89
CA GLU B 39 -28.52 9.06 -11.47
C GLU B 39 -27.46 10.15 -11.48
N LEU B 40 -26.24 9.82 -11.10
CA LEU B 40 -25.17 10.83 -11.11
C LEU B 40 -24.88 11.32 -12.54
N ALA B 41 -24.95 10.42 -13.54
CA ALA B 41 -24.62 10.77 -14.89
C ALA B 41 -25.82 11.30 -15.71
N GLY B 42 -27.02 11.24 -15.13
CA GLY B 42 -28.25 11.62 -15.84
C GLY B 42 -28.71 10.67 -16.92
N VAL B 43 -28.25 9.43 -16.88
CA VAL B 43 -28.63 8.45 -17.88
C VAL B 43 -29.39 7.31 -17.17
N THR B 44 -29.69 6.22 -17.85
CA THR B 44 -30.43 5.15 -17.17
C THR B 44 -29.48 3.95 -16.95
N ARG B 45 -29.93 2.97 -16.18
CA ARG B 45 -29.09 1.80 -15.96
C ARG B 45 -28.71 1.10 -17.26
N GLY B 46 -29.65 1.08 -18.22
CA GLY B 46 -29.51 0.47 -19.52
C GLY B 46 -28.44 1.17 -20.33
N ALA B 47 -28.43 2.50 -20.29
CA ALA B 47 -27.28 3.20 -20.83
C ALA B 47 -25.99 2.78 -20.18
N ILE B 48 -25.98 2.40 -18.90
CA ILE B 48 -24.69 1.90 -18.34
C ILE B 48 -24.38 0.51 -18.86
N TYR B 49 -25.43 -0.30 -19.03
CA TYR B 49 -25.23 -1.66 -19.44
C TYR B 49 -24.69 -1.82 -20.87
N TRP B 50 -24.87 -0.79 -21.70
CA TRP B 50 -24.40 -0.73 -23.08
C TRP B 50 -22.88 -0.53 -23.18
N HIS B 51 -22.26 0.02 -22.14
CA HIS B 51 -20.82 0.16 -22.18
C HIS B 51 -20.14 -0.79 -21.21
N PHE B 52 -20.87 -1.29 -20.22
CA PHE B 52 -20.21 -2.04 -19.16
C PHE B 52 -21.11 -3.14 -18.67
N ASN B 53 -20.57 -4.32 -18.43
CA ASN B 53 -21.39 -5.44 -18.01
C ASN B 53 -21.78 -5.38 -16.54
N ASN B 54 -20.92 -4.77 -15.74
CA ASN B 54 -21.11 -4.76 -14.31
C ASN B 54 -20.15 -3.71 -13.71
N LYS B 55 -20.15 -3.60 -12.38
CA LYS B 55 -19.32 -2.64 -11.64
C LYS B 55 -17.84 -2.85 -11.74
N ALA B 56 -17.41 -4.10 -11.77
CA ALA B 56 -15.98 -4.40 -11.95
C ALA B 56 -15.44 -3.88 -13.29
N GLU B 57 -16.32 -3.73 -14.29
CA GLU B 57 -15.91 -3.17 -15.58
C GLU B 57 -15.59 -1.69 -15.47
N LEU B 58 -16.41 -0.98 -14.70
CA LEU B 58 -16.19 0.45 -14.41
C LEU B 58 -14.90 0.63 -13.65
N VAL B 59 -14.71 -0.15 -12.60
CA VAL B 59 -13.48 -0.02 -11.85
C VAL B 59 -12.33 -0.27 -12.79
N GLN B 60 -12.40 -1.35 -13.55
CA GLN B 60 -11.42 -1.69 -14.54
C GLN B 60 -11.05 -0.51 -15.44
N ALA B 61 -12.05 0.18 -15.96
CA ALA B 61 -11.80 1.24 -16.89
C ALA B 61 -11.12 2.43 -16.24
N LEU B 62 -11.41 2.69 -14.96
CA LEU B 62 -10.71 3.75 -14.23
C LEU B 62 -9.29 3.31 -14.05
N LEU B 63 -9.08 2.12 -13.52
CA LEU B 63 -7.73 1.58 -13.37
C LEU B 63 -6.98 1.69 -14.69
N ASP B 64 -7.55 1.17 -15.77
CA ASP B 64 -6.83 1.18 -17.04
C ASP B 64 -6.57 2.60 -17.57
N SER B 65 -7.32 3.60 -17.09
CA SER B 65 -7.06 4.96 -17.53
C SER B 65 -5.74 5.51 -17.00
N LEU B 66 -5.27 5.00 -15.86
CA LEU B 66 -3.97 5.45 -15.31
C LEU B 66 -2.79 5.16 -16.24
N HIS B 67 -2.87 4.13 -17.07
CA HIS B 67 -1.68 3.71 -17.84
C HIS B 67 -1.34 4.57 -19.08
N GLU B 68 -2.35 5.23 -19.66
CA GLU B 68 -2.18 5.97 -20.92
C GLU B 68 -0.98 6.92 -20.97
N THR B 69 -0.87 7.80 -19.99
CA THR B 69 0.12 8.89 -19.98
C THR B 69 1.55 8.43 -20.08
N HIS B 70 1.88 7.37 -19.36
CA HIS B 70 3.25 6.86 -19.30
C HIS B 70 3.60 5.92 -20.44
N ASP B 71 2.57 5.48 -21.16
CA ASP B 71 2.65 4.54 -22.26
C ASP B 71 3.99 4.54 -23.01
N HIS B 72 4.36 5.67 -23.60
CA HIS B 72 5.53 5.72 -24.45
C HIS B 72 6.87 5.64 -23.71
N LEU B 73 6.97 6.24 -22.53
CA LEU B 73 8.18 6.07 -21.73
C LEU B 73 8.33 4.65 -21.19
N ALA B 74 7.21 3.93 -21.06
CA ALA B 74 7.23 2.53 -20.60
C ALA B 74 7.75 1.57 -21.67
N ARG B 75 7.18 1.69 -22.86
CA ARG B 75 7.59 0.93 -24.01
C ARG B 75 9.05 1.22 -24.35
N ALA B 76 9.45 2.48 -24.18
CA ALA B 76 10.82 2.91 -24.45
C ALA B 76 11.82 2.18 -23.56
N SER B 77 11.50 2.09 -22.27
CA SER B 77 12.35 1.35 -21.34
C SER B 77 12.38 -0.14 -21.68
N GLU B 78 11.20 -0.67 -21.97
CA GLU B 78 10.99 -2.09 -22.23
C GLU B 78 11.61 -2.60 -23.54
N SER B 79 11.97 -1.66 -24.43
CA SER B 79 12.53 -2.00 -25.72
C SER B 79 14.02 -2.23 -25.58
N GLU B 80 14.54 -3.25 -26.27
CA GLU B 80 15.99 -3.53 -26.27
C GLU B 80 16.75 -2.42 -26.98
N ASP B 81 16.15 -1.94 -28.08
CA ASP B 81 16.86 -1.01 -28.99
C ASP B 81 17.08 0.37 -28.37
N GLU B 82 16.66 0.52 -27.11
CA GLU B 82 16.84 1.77 -26.40
C GLU B 82 18.30 1.88 -25.98
N VAL B 83 18.86 3.09 -26.17
CA VAL B 83 20.22 3.38 -25.74
C VAL B 83 20.28 3.64 -24.23
N ASP B 84 19.20 4.21 -23.69
CA ASP B 84 19.19 4.74 -22.32
C ASP B 84 18.01 4.20 -21.50
N PRO B 85 18.05 2.89 -21.13
CA PRO B 85 16.85 2.30 -20.48
C PRO B 85 16.59 2.83 -19.08
N LEU B 86 17.66 3.04 -18.30
CA LEU B 86 17.56 3.49 -16.91
C LEU B 86 17.10 4.95 -16.82
N GLY B 87 17.49 5.75 -17.82
CA GLY B 87 17.09 7.15 -17.92
C GLY B 87 15.64 7.25 -18.29
N CYS B 88 15.13 6.24 -18.98
CA CYS B 88 13.71 6.20 -19.35
C CYS B 88 12.81 5.83 -18.20
N MET B 89 13.39 5.12 -17.24
CA MET B 89 12.71 4.70 -16.04
C MET B 89 12.72 5.90 -15.10
N ARG B 90 13.85 6.60 -15.08
CA ARG B 90 13.90 7.84 -14.35
C ARG B 90 12.84 8.83 -14.91
N LYS B 91 12.78 8.99 -16.24
CA LYS B 91 11.77 9.88 -16.80
C LYS B 91 10.33 9.43 -16.43
N LEU B 92 10.11 8.13 -16.41
CA LEU B 92 8.78 7.62 -16.10
C LEU B 92 8.35 7.86 -14.63
N LEU B 93 9.26 7.59 -13.70
CA LEU B 93 9.00 7.72 -12.29
C LEU B 93 8.67 9.16 -11.94
N LEU B 94 9.42 10.07 -12.59
CA LEU B 94 9.23 11.50 -12.38
C LEU B 94 7.88 11.96 -12.90
N GLN B 95 7.41 11.36 -13.99
CA GLN B 95 6.10 11.69 -14.53
C GLN B 95 5.00 11.12 -13.65
N VAL B 96 5.21 9.86 -13.20
CA VAL B 96 4.25 9.21 -12.31
C VAL B 96 4.09 10.10 -11.12
N PHE B 97 5.19 10.58 -10.57
CA PHE B 97 5.08 11.41 -9.39
C PHE B 97 4.47 12.79 -9.68
N ASN B 98 4.87 13.42 -10.80
CA ASN B 98 4.33 14.70 -11.23
C ASN B 98 2.85 14.65 -11.51
N GLU B 99 2.42 13.67 -12.31
CA GLU B 99 1.02 13.56 -12.69
C GLU B 99 0.20 13.32 -11.46
N LEU B 100 0.77 12.60 -10.52
CA LEU B 100 -0.01 12.28 -9.37
C LEU B 100 -0.25 13.51 -8.50
N VAL B 101 0.75 14.40 -8.43
CA VAL B 101 0.71 15.61 -7.59
C VAL B 101 -0.07 16.78 -8.25
N LEU B 102 0.07 16.90 -9.57
CA LEU B 102 -0.62 17.91 -10.32
C LEU B 102 -2.01 17.53 -10.84
N ASP B 103 -2.23 16.27 -11.20
CA ASP B 103 -3.52 15.94 -11.81
C ASP B 103 -4.55 15.34 -10.85
N ALA B 104 -5.48 16.19 -10.44
CA ALA B 104 -6.59 15.77 -9.58
C ALA B 104 -7.30 14.50 -10.06
N ARG B 105 -7.39 14.30 -11.38
CA ARG B 105 -8.03 13.10 -11.89
C ARG B 105 -7.19 11.89 -11.46
N THR B 106 -5.91 11.89 -11.81
CA THR B 106 -5.01 10.82 -11.39
C THR B 106 -4.98 10.56 -9.85
N ARG B 107 -4.91 11.63 -9.05
CA ARG B 107 -4.95 11.58 -7.56
C ARG B 107 -6.27 10.90 -7.15
N ARG B 108 -7.39 11.28 -7.75
CA ARG B 108 -8.65 10.72 -7.29
C ARG B 108 -8.77 9.22 -7.60
N ILE B 109 -8.35 8.81 -8.78
CA ILE B 109 -8.45 7.41 -9.15
C ILE B 109 -7.47 6.56 -8.26
N ASN B 110 -6.21 7.01 -8.05
CA ASN B 110 -5.31 6.32 -7.14
C ASN B 110 -5.90 6.21 -5.74
N GLU B 111 -6.44 7.31 -5.27
CA GLU B 111 -7.15 7.30 -4.01
C GLU B 111 -8.32 6.29 -4.04
N ILE B 112 -9.09 6.16 -5.16
CA ILE B 112 -10.16 5.13 -5.23
C ILE B 112 -9.52 3.76 -5.05
N LEU B 113 -8.45 3.53 -5.80
CA LEU B 113 -7.76 2.26 -5.91
C LEU B 113 -7.17 1.77 -4.59
N HIS B 114 -6.50 2.67 -3.87
CA HIS B 114 -5.77 2.28 -2.67
C HIS B 114 -6.68 2.36 -1.46
N HIS B 115 -7.56 3.36 -1.34
CA HIS B 115 -8.23 3.55 -0.07
C HIS B 115 -9.75 3.48 -0.13
N LYS B 116 -10.35 3.10 -1.26
CA LYS B 116 -11.81 3.09 -1.39
C LYS B 116 -12.35 1.97 -2.23
N CYS B 117 -11.68 0.83 -2.19
CA CYS B 117 -11.98 -0.29 -3.03
C CYS B 117 -11.61 -1.58 -2.30
N GLU B 118 -12.59 -2.21 -1.66
CA GLU B 118 -12.39 -3.45 -0.90
C GLU B 118 -12.35 -4.66 -1.83
N PHE B 119 -11.57 -5.66 -1.46
CA PHE B 119 -11.59 -6.93 -2.14
C PHE B 119 -12.45 -7.89 -1.37
N THR B 120 -13.67 -8.10 -1.81
CA THR B 120 -14.54 -9.04 -1.10
C THR B 120 -15.13 -10.09 -2.04
N ASP B 121 -15.08 -11.37 -1.67
CA ASP B 121 -15.59 -12.51 -2.51
C ASP B 121 -17.01 -12.41 -3.13
N ASP B 122 -17.79 -11.39 -2.74
CA ASP B 122 -19.06 -11.10 -3.40
C ASP B 122 -18.81 -10.55 -4.81
N MET B 123 -17.67 -9.87 -4.99
CA MET B 123 -17.04 -9.65 -6.31
C MET B 123 -15.60 -10.07 -6.10
N CYS B 124 -15.12 -11.07 -6.83
CA CYS B 124 -13.69 -11.41 -6.70
C CYS B 124 -12.93 -10.86 -7.90
N GLU B 125 -13.69 -10.35 -8.85
CA GLU B 125 -13.12 -9.85 -10.09
C GLU B 125 -12.20 -8.67 -9.81
N ILE B 126 -12.50 -7.90 -8.78
CA ILE B 126 -11.70 -6.73 -8.45
C ILE B 126 -10.33 -7.21 -7.98
N ARG B 127 -10.30 -8.17 -7.08
CA ARG B 127 -9.00 -8.65 -6.63
C ARG B 127 -8.23 -9.28 -7.79
N GLN B 128 -8.93 -9.97 -8.68
CA GLN B 128 -8.30 -10.65 -9.80
C GLN B 128 -7.74 -9.67 -10.83
N GLN B 129 -8.57 -8.68 -11.18
CA GLN B 129 -8.17 -7.58 -12.07
C GLN B 129 -6.90 -6.89 -11.54
N ARG B 130 -6.80 -6.70 -10.23
CA ARG B 130 -5.64 -6.01 -9.68
C ARG B 130 -4.43 -6.89 -9.77
N GLN B 131 -4.62 -8.19 -9.48
CA GLN B 131 -3.53 -9.18 -9.53
C GLN B 131 -2.81 -9.21 -10.91
N SER B 132 -3.60 -9.36 -11.97
CA SER B 132 -3.03 -9.43 -13.29
C SER B 132 -2.41 -8.06 -13.61
N ALA B 133 -3.10 -7.00 -13.22
CA ALA B 133 -2.55 -5.64 -13.35
C ALA B 133 -1.17 -5.51 -12.76
N VAL B 134 -1.00 -5.97 -11.52
CA VAL B 134 0.33 -5.99 -10.88
C VAL B 134 1.35 -6.97 -11.53
N LEU B 135 0.93 -8.15 -11.98
CA LEU B 135 1.89 -9.02 -12.64
C LEU B 135 2.33 -8.38 -13.94
N ASP B 136 1.37 -7.81 -14.67
CA ASP B 136 1.66 -7.15 -15.95
C ASP B 136 2.78 -6.17 -15.79
N CYS B 137 2.58 -5.27 -14.82
CA CYS B 137 3.49 -4.18 -14.54
C CYS B 137 4.81 -4.73 -14.08
N HIS B 138 4.77 -5.78 -13.27
CA HIS B 138 5.94 -6.46 -12.75
C HIS B 138 6.74 -6.97 -13.90
N LYS B 139 6.07 -7.56 -14.89
CA LYS B 139 6.80 -8.11 -16.02
C LYS B 139 7.53 -6.98 -16.75
N GLY B 140 6.87 -5.84 -16.90
CA GLY B 140 7.49 -4.67 -17.48
C GLY B 140 8.74 -4.18 -16.75
N ILE B 141 8.71 -4.18 -15.43
CA ILE B 141 9.87 -3.70 -14.67
C ILE B 141 11.08 -4.60 -14.90
N THR B 142 10.80 -5.90 -14.99
CA THR B 142 11.81 -6.93 -15.15
C THR B 142 12.60 -6.67 -16.45
N LEU B 143 11.87 -6.57 -17.55
CA LEU B 143 12.46 -6.34 -18.84
C LEU B 143 13.16 -4.99 -18.87
N ALA B 144 12.66 -4.06 -18.05
CA ALA B 144 13.30 -2.75 -17.97
C ALA B 144 14.62 -2.90 -17.24
N LEU B 145 14.59 -3.54 -16.09
CA LEU B 145 15.80 -3.72 -15.30
C LEU B 145 16.87 -4.52 -16.03
N ALA B 146 16.42 -5.46 -16.84
CA ALA B 146 17.29 -6.31 -17.63
C ALA B 146 18.09 -5.54 -18.70
N ASN B 147 17.45 -4.59 -19.39
CA ASN B 147 18.14 -3.78 -20.40
C ASN B 147 19.22 -2.91 -19.76
N ALA B 148 18.85 -2.27 -18.65
CA ALA B 148 19.78 -1.42 -17.90
C ALA B 148 21.04 -2.20 -17.52
N VAL B 149 20.88 -3.51 -17.39
CA VAL B 149 21.99 -4.41 -17.11
C VAL B 149 22.76 -4.74 -18.41
N ARG B 150 22.02 -5.10 -19.47
CA ARG B 150 22.62 -5.34 -20.81
C ARG B 150 23.49 -4.22 -21.35
N ARG B 151 23.37 -3.03 -20.77
CA ARG B 151 24.13 -1.88 -21.27
C ARG B 151 25.02 -1.29 -20.17
N GLY B 152 25.17 -2.02 -19.07
CA GLY B 152 26.02 -1.60 -17.94
C GLY B 152 25.59 -0.30 -17.27
N GLN B 153 24.26 -0.03 -17.28
CA GLN B 153 23.71 1.05 -16.44
C GLN B 153 23.49 0.59 -14.98
N LEU B 154 23.41 -0.72 -14.78
CA LEU B 154 23.24 -1.25 -13.45
C LEU B 154 24.33 -2.26 -13.20
N PRO B 155 24.49 -2.75 -11.93
CA PRO B 155 25.34 -3.95 -11.65
C PRO B 155 25.08 -5.19 -12.56
N GLY B 156 25.89 -6.24 -12.40
CA GLY B 156 25.96 -7.32 -13.40
C GLY B 156 25.19 -8.59 -13.09
N GLU B 157 24.67 -9.20 -14.16
CA GLU B 157 23.87 -10.44 -14.08
C GLU B 157 22.75 -10.25 -13.06
N LEU B 158 22.52 -8.97 -12.73
CA LEU B 158 21.75 -8.53 -11.54
C LEU B 158 20.39 -9.20 -11.37
N ASP B 159 20.12 -9.69 -10.15
CA ASP B 159 18.84 -10.32 -9.89
C ASP B 159 17.78 -9.28 -10.14
N ALA B 160 17.05 -9.52 -11.20
CA ALA B 160 15.98 -8.61 -11.60
C ALA B 160 14.71 -8.85 -10.78
N GLU B 161 14.10 -10.04 -11.04
CA GLU B 161 12.80 -10.38 -10.38
C GLU B 161 12.58 -9.73 -9.00
N ARG B 162 13.54 -9.89 -8.10
CA ARG B 162 13.45 -9.30 -6.79
C ARG B 162 13.64 -7.79 -6.79
N ALA B 163 14.51 -7.25 -7.63
CA ALA B 163 14.71 -5.80 -7.63
C ALA B 163 13.43 -5.13 -8.17
N ALA B 164 12.78 -5.83 -9.10
CA ALA B 164 11.50 -5.42 -9.63
C ALA B 164 10.45 -5.22 -8.53
N VAL B 165 10.30 -6.25 -7.71
CA VAL B 165 9.36 -6.29 -6.62
C VAL B 165 9.75 -5.18 -5.65
N ALA B 166 11.05 -4.94 -5.52
CA ALA B 166 11.52 -3.99 -4.49
C ALA B 166 11.17 -2.57 -4.94
N MET B 167 11.34 -2.35 -6.25
CA MET B 167 10.99 -1.12 -6.99
C MET B 167 9.51 -0.79 -6.82
N PHE B 168 8.67 -1.73 -7.25
CA PHE B 168 7.22 -1.58 -7.19
C PHE B 168 6.78 -1.39 -5.75
N ALA B 169 7.35 -2.15 -4.83
CA ALA B 169 6.93 -2.04 -3.46
C ALA B 169 7.12 -0.62 -2.98
N TYR B 170 8.32 -0.11 -3.22
CA TYR B 170 8.74 1.23 -2.83
C TYR B 170 7.90 2.36 -3.44
N VAL B 171 7.72 2.34 -4.75
CA VAL B 171 6.92 3.34 -5.42
C VAL B 171 5.49 3.22 -4.88
N ASP B 172 4.92 2.02 -4.94
CA ASP B 172 3.57 1.81 -4.45
C ASP B 172 3.35 2.39 -3.06
N GLY B 173 4.25 2.10 -2.12
CA GLY B 173 4.10 2.52 -0.73
C GLY B 173 4.37 4.00 -0.54
N LEU B 174 5.21 4.56 -1.42
CA LEU B 174 5.39 6.01 -1.39
C LEU B 174 4.08 6.75 -1.74
N ILE B 175 3.47 6.33 -2.87
CA ILE B 175 2.18 6.87 -3.35
C ILE B 175 1.12 6.83 -2.26
N ARG B 176 0.97 5.65 -1.67
CA ARG B 176 -0.01 5.39 -0.64
C ARG B 176 0.29 6.28 0.57
N ARG B 177 1.58 6.41 0.91
CA ARG B 177 2.02 7.27 1.99
C ARG B 177 1.63 8.73 1.69
N TRP B 178 1.88 9.21 0.46
CA TRP B 178 1.49 10.54 0.07
C TRP B 178 -0.02 10.70 0.03
N LEU B 179 -0.80 9.72 -0.42
CA LEU B 179 -2.23 9.88 -0.39
C LEU B 179 -2.78 9.95 1.05
N LEU B 180 -2.09 9.36 2.02
CA LEU B 180 -2.60 9.32 3.36
C LEU B 180 -2.19 10.56 4.14
N LEU B 181 -0.90 10.92 4.05
CA LEU B 181 -0.33 12.13 4.69
C LEU B 181 0.45 12.95 3.66
N PRO B 182 -0.25 13.76 2.83
CA PRO B 182 0.53 14.45 1.78
C PRO B 182 1.56 15.52 2.25
N ASP B 183 1.25 16.29 3.28
CA ASP B 183 2.17 17.34 3.81
C ASP B 183 3.39 16.79 4.59
N SER B 184 3.75 15.55 4.29
CA SER B 184 4.85 14.89 4.95
C SER B 184 5.79 14.27 3.91
N VAL B 185 5.45 14.44 2.65
CA VAL B 185 6.31 14.03 1.57
C VAL B 185 6.15 15.16 0.60
N ASP B 186 7.09 16.10 0.62
CA ASP B 186 7.10 17.14 -0.39
C ASP B 186 7.48 16.40 -1.67
N LEU B 187 6.51 15.61 -2.12
CA LEU B 187 6.62 14.78 -3.26
C LEU B 187 6.92 15.60 -4.50
N LEU B 188 6.09 16.62 -4.76
CA LEU B 188 6.34 17.51 -5.89
C LEU B 188 7.73 18.13 -5.80
N GLY B 189 7.99 18.84 -4.71
CA GLY B 189 9.23 19.59 -4.57
C GLY B 189 10.53 18.82 -4.60
N ASP B 190 10.51 17.60 -4.05
CA ASP B 190 11.71 16.77 -3.96
C ASP B 190 11.66 15.60 -4.93
N VAL B 191 10.81 15.68 -5.95
CA VAL B 191 10.65 14.55 -6.87
C VAL B 191 11.95 13.89 -7.25
N GLU B 192 12.99 14.67 -7.50
CA GLU B 192 14.29 14.10 -7.85
C GLU B 192 14.83 13.17 -6.75
N LYS B 193 14.82 13.61 -5.50
CA LYS B 193 15.35 12.79 -4.40
C LYS B 193 14.53 11.50 -4.24
N TRP B 194 13.21 11.64 -4.15
CA TRP B 194 12.34 10.49 -3.98
C TRP B 194 12.49 9.43 -5.09
N VAL B 195 12.57 9.86 -6.33
CA VAL B 195 12.83 8.91 -7.41
C VAL B 195 14.15 8.17 -7.31
N ASP B 196 15.24 8.92 -7.05
CA ASP B 196 16.61 8.36 -7.01
C ASP B 196 16.90 7.48 -5.80
N THR B 197 16.31 7.83 -4.65
CA THR B 197 16.43 6.97 -3.49
C THR B 197 16.07 5.57 -3.98
N GLY B 198 14.95 5.47 -4.69
CA GLY B 198 14.48 4.23 -5.29
C GLY B 198 15.50 3.58 -6.20
N LEU B 199 15.93 4.32 -7.21
CA LEU B 199 16.98 3.88 -8.15
C LEU B 199 18.31 3.55 -7.51
N ASP B 200 18.68 4.26 -6.45
CA ASP B 200 19.90 3.92 -5.73
C ASP B 200 19.80 2.52 -5.14
N MET B 201 18.68 2.21 -4.50
CA MET B 201 18.36 0.84 -4.06
C MET B 201 18.77 -0.23 -5.09
N LEU B 202 18.33 -0.08 -6.33
CA LEU B 202 18.57 -1.07 -7.40
C LEU B 202 20.02 -1.27 -7.84
N ARG B 203 20.85 -0.25 -7.68
CA ARG B 203 22.24 -0.30 -8.15
C ARG B 203 23.27 -0.55 -7.05
N LEU B 204 23.01 -0.02 -5.86
CA LEU B 204 23.95 -0.07 -4.74
C LEU B 204 23.58 -1.05 -3.60
N SER B 205 22.66 -1.97 -3.84
CA SER B 205 22.26 -2.88 -2.77
C SER B 205 22.74 -4.29 -3.05
N PRO B 206 23.73 -4.77 -2.26
CA PRO B 206 24.19 -6.16 -2.39
C PRO B 206 23.05 -7.17 -2.28
N ALA B 207 22.10 -6.91 -1.36
CA ALA B 207 21.02 -7.87 -1.10
C ALA B 207 20.20 -8.19 -2.35
N LEU B 208 20.12 -7.21 -3.26
CA LEU B 208 19.57 -7.37 -4.61
C LEU B 208 20.50 -8.04 -5.62
N ARG B 209 21.76 -8.21 -5.23
CA ARG B 209 22.70 -8.97 -6.04
C ARG B 209 22.58 -10.45 -5.69
N LYS B 210 22.38 -11.26 -6.77
CA LYS B 210 22.10 -12.71 -6.72
C LYS B 210 21.79 -13.36 -5.35
#